data_1T0J
#
_entry.id   1T0J
#
_cell.length_a   36.756
_cell.length_b   45.330
_cell.length_c   60.652
_cell.angle_alpha   96.81
_cell.angle_beta   102.46
_cell.angle_gamma   98.53
#
_symmetry.space_group_name_H-M   'P 1'
#
loop_
_entity.id
_entity.type
_entity.pdbx_description
1 polymer 'voltage-gated calcium channel subunit beta2a'
2 polymer 'voltage-gated calcium channel subunit beta2a'
3 polymer 'Voltage-dependent L-type calcium channel alpha-1C subunit'
4 non-polymer 'CHLORIDE ION'
5 water water
#
loop_
_entity_poly.entity_id
_entity_poly.type
_entity_poly.pdbx_seq_one_letter_code
_entity_poly.pdbx_strand_id
1 'polypeptide(L)'
;GHMGSADSYTSRPSDSDVSLEEDREAVRREAERQAQAQLEKAKTKPVAFAVRTNVRYSAAQEDDVPVPGMAISFEAKDFL
HVKEKFNNDWWIGRLVKEGCEIGFIPSPVKLENMRLQHEQRAKQGKFYSSKS
;
A
2 'polypeptide(L)'
;MSKEKRMPFFKKTEHTPPYDVVPSMRPVVLVGPSLKGYEVTDMMQKALFDFLKHRFEGRISITRVTADISLAKRSVLNNP
SKHAIIERSNTRSSLAEVQSEIERIFELARTLQLVVLDADTINHPAQLSKTSLAPIIVYVKISSPKVLQRLIKSRGKSQA
KHLNVQMVAADKLAQCPPQESFDVILDENQLEDACEHLADYLEAYWKATHPPSSNLPNPLLSRT
;
B
3 'polypeptide(L)' GAQQLEEDLKGYLDWITQAE C
#
# COMPACT_ATOMS: atom_id res chain seq x y z
N ARG A 28 31.31 24.12 17.32
CA ARG A 28 31.86 24.37 15.96
C ARG A 28 30.84 23.98 14.85
N ARG A 29 31.37 23.59 13.67
CA ARG A 29 30.62 23.04 12.55
C ARG A 29 31.22 21.71 12.11
N GLU A 30 31.83 21.01 13.06
CA GLU A 30 31.88 19.58 12.97
C GLU A 30 30.63 18.92 13.63
N ALA A 31 29.67 19.73 14.13
CA ALA A 31 28.33 19.22 14.40
C ALA A 31 27.74 18.75 13.06
N GLU A 32 27.90 19.54 12.01
CA GLU A 32 27.45 19.18 10.68
C GLU A 32 28.15 17.91 10.18
N ARG A 33 29.45 17.81 10.45
CA ARG A 33 30.23 16.59 10.14
C ARG A 33 29.65 15.34 10.78
N GLN A 34 29.42 15.36 12.10
CA GLN A 34 28.82 14.23 12.81
C GLN A 34 27.43 13.91 12.30
N ALA A 35 26.66 14.94 11.94
CA ALA A 35 25.30 14.72 11.42
C ALA A 35 25.38 14.01 10.03
N GLN A 36 26.28 14.49 9.15
CA GLN A 36 26.46 13.84 7.85
C GLN A 36 26.97 12.41 8.03
N ALA A 37 27.87 12.20 8.98
CA ALA A 37 28.39 10.87 9.28
C ALA A 37 27.29 9.94 9.81
N GLN A 38 26.39 10.43 10.67
CA GLN A 38 25.24 9.63 11.12
C GLN A 38 24.30 9.23 9.93
N LEU A 39 24.04 10.17 9.04
CA LEU A 39 23.32 9.91 7.77
C LEU A 39 23.95 8.74 6.93
N GLU A 40 25.25 8.80 6.74
CA GLU A 40 25.93 7.76 5.95
C GLU A 40 25.84 6.39 6.63
N LYS A 41 25.99 6.35 7.96
CA LYS A 41 25.89 5.13 8.76
C LYS A 41 24.50 4.54 8.68
N ALA A 42 23.46 5.38 8.60
CA ALA A 42 22.07 4.95 8.48
C ALA A 42 21.72 4.28 7.16
N LYS A 43 22.48 4.54 6.10
CA LYS A 43 22.10 4.11 4.75
C LYS A 43 21.95 2.58 4.74
N THR A 44 22.79 1.93 5.51
CA THR A 44 22.87 0.47 5.50
C THR A 44 22.06 -0.22 6.63
N LYS A 45 21.61 0.57 7.60
CA LYS A 45 20.72 0.12 8.69
C LYS A 45 19.37 -0.32 8.20
N PRO A 46 18.71 -1.18 8.94
CA PRO A 46 17.33 -1.59 8.58
C PRO A 46 16.27 -0.48 8.74
N VAL A 47 15.18 -0.65 8.00
CA VAL A 47 13.98 0.16 8.18
C VAL A 47 13.32 -0.18 9.51
N ALA A 48 13.33 0.77 10.45
CA ALA A 48 12.70 0.53 11.74
C ALA A 48 11.17 0.47 11.61
N PHE A 49 10.60 1.43 10.89
CA PHE A 49 9.15 1.49 10.62
C PHE A 49 8.87 2.43 9.44
N ALA A 50 7.64 2.37 8.92
CA ALA A 50 7.23 3.19 7.80
C ALA A 50 6.07 4.02 8.28
N VAL A 51 5.93 5.19 7.71
CA VAL A 51 4.82 6.07 7.99
C VAL A 51 4.23 6.58 6.71
N ARG A 52 2.93 6.84 6.78
CA ARG A 52 2.19 7.57 5.79
C ARG A 52 1.87 8.93 6.42
N THR A 53 2.10 10.00 5.66
CA THR A 53 2.01 11.32 6.16
C THR A 53 0.55 11.80 6.04
N ASN A 54 0.14 12.64 6.97
CA ASN A 54 -1.18 13.27 6.95
C ASN A 54 -1.09 14.78 6.70
N VAL A 55 0.13 15.31 6.61
CA VAL A 55 0.43 16.72 6.35
C VAL A 55 1.59 16.83 5.35
N ARG A 56 1.75 18.01 4.77
CA ARG A 56 2.89 18.29 3.90
C ARG A 56 3.98 19.05 4.71
N TYR A 57 5.21 18.93 4.23
CA TYR A 57 6.38 19.60 4.77
C TYR A 57 7.15 20.08 3.54
N SER A 58 7.29 21.39 3.41
CA SER A 58 8.06 21.98 2.33
C SER A 58 9.26 22.68 2.97
N ALA A 59 10.43 21.99 2.94
CA ALA A 59 11.60 22.41 3.68
C ALA A 59 12.10 23.81 3.24
N ALA A 60 12.55 24.54 4.24
CA ALA A 60 13.15 25.84 4.08
C ALA A 60 14.43 25.87 4.90
N GLN A 61 15.36 26.72 4.45
CA GLN A 61 16.69 26.86 5.05
C GLN A 61 16.55 27.27 6.52
N GLU A 62 15.55 28.09 6.82
CA GLU A 62 15.31 28.57 8.20
C GLU A 62 14.84 27.49 9.19
N ASP A 63 14.40 26.33 8.68
CA ASP A 63 14.08 25.19 9.53
C ASP A 63 15.29 24.58 10.28
N ASP A 64 16.50 25.02 9.95
CA ASP A 64 17.72 24.66 10.70
C ASP A 64 17.99 23.14 10.68
N VAL A 65 18.04 22.59 9.48
CA VAL A 65 18.28 21.14 9.25
C VAL A 65 19.72 20.79 9.68
N PRO A 66 19.96 19.66 10.36
CA PRO A 66 21.32 19.32 10.84
C PRO A 66 22.40 19.35 9.78
N VAL A 67 22.07 19.00 8.54
CA VAL A 67 22.95 19.21 7.39
C VAL A 67 22.16 19.97 6.35
N PRO A 68 22.56 21.20 6.00
CA PRO A 68 21.90 21.94 4.91
C PRO A 68 21.64 21.15 3.62
N GLY A 69 20.42 21.26 3.14
CA GLY A 69 20.04 20.63 1.91
C GLY A 69 19.68 19.17 2.06
N MET A 70 19.67 18.63 3.27
CA MET A 70 19.42 17.18 3.45
C MET A 70 18.09 16.92 4.10
N ALA A 71 17.23 17.94 4.23
CA ALA A 71 15.84 17.71 4.67
C ALA A 71 15.06 16.93 3.60
N ILE A 72 14.14 16.08 4.03
CA ILE A 72 13.21 15.35 3.10
C ILE A 72 11.89 16.12 3.17
N SER A 73 11.49 16.74 2.06
CA SER A 73 10.15 17.29 1.93
C SER A 73 9.17 16.20 1.46
N PHE A 74 7.91 16.40 1.75
CA PHE A 74 6.86 15.49 1.36
C PHE A 74 5.50 16.16 1.27
N GLU A 75 4.56 15.51 0.60
CA GLU A 75 3.18 15.96 0.53
C GLU A 75 2.36 15.04 1.40
N ALA A 76 1.11 15.41 1.68
CA ALA A 76 0.24 14.52 2.44
C ALA A 76 0.06 13.23 1.64
N LYS A 77 0.01 12.13 2.37
CA LYS A 77 -0.21 10.78 1.85
C LYS A 77 1.01 10.19 1.19
N ASP A 78 2.18 10.77 1.41
CA ASP A 78 3.42 10.13 0.97
C ASP A 78 3.86 9.11 1.97
N PHE A 79 4.75 8.22 1.54
CA PHE A 79 5.28 7.19 2.39
C PHE A 79 6.73 7.42 2.65
N LEU A 80 7.11 7.25 3.91
CA LEU A 80 8.50 7.37 4.36
C LEU A 80 9.02 6.10 5.05
N HIS A 81 10.26 5.77 4.78
CA HIS A 81 10.92 4.69 5.48
C HIS A 81 11.85 5.32 6.50
N VAL A 82 11.67 4.96 7.77
CA VAL A 82 12.39 5.57 8.84
C VAL A 82 13.43 4.63 9.44
N LYS A 83 14.64 5.15 9.59
CA LYS A 83 15.80 4.38 10.11
C LYS A 83 16.09 4.58 11.60
N GLU A 84 16.06 5.82 12.07
CA GLU A 84 16.36 6.09 13.48
C GLU A 84 16.05 7.54 13.80
N LYS A 85 16.20 7.89 15.07
CA LYS A 85 16.01 9.24 15.59
C LYS A 85 17.36 9.93 15.79
N PHE A 86 17.54 11.07 15.13
CA PHE A 86 18.75 11.89 15.30
C PHE A 86 18.69 12.71 16.57
N ASN A 87 17.61 13.47 16.74
CA ASN A 87 17.40 14.24 17.97
C ASN A 87 15.89 14.57 18.11
N ASN A 88 15.53 15.43 19.02
CA ASN A 88 14.12 15.72 19.29
C ASN A 88 13.40 16.32 18.05
N ASP A 89 14.12 16.99 17.16
CA ASP A 89 13.55 17.64 15.98
C ASP A 89 13.61 16.84 14.66
N TRP A 90 14.39 15.77 14.61
CA TRP A 90 14.71 15.10 13.34
C TRP A 90 14.88 13.60 13.45
N TRP A 91 14.29 12.93 12.49
CA TRP A 91 14.48 11.52 12.26
C TRP A 91 15.37 11.42 11.02
N ILE A 92 15.90 10.23 10.75
CA ILE A 92 16.58 9.93 9.50
C ILE A 92 15.78 8.86 8.77
N GLY A 93 15.56 9.10 7.49
CA GLY A 93 14.88 8.15 6.63
C GLY A 93 14.80 8.65 5.21
N ARG A 94 13.94 8.04 4.41
CA ARG A 94 13.77 8.46 3.03
C ARG A 94 12.30 8.32 2.58
N LEU A 95 11.97 9.08 1.54
CA LEU A 95 10.76 8.92 0.77
C LEU A 95 10.83 7.61 0.01
N VAL A 96 9.71 6.88 -0.01
CA VAL A 96 9.62 5.64 -0.75
C VAL A 96 9.35 5.96 -2.22
N LYS A 97 10.41 6.35 -2.90
CA LYS A 97 10.34 6.80 -4.29
C LYS A 97 11.69 6.51 -4.93
N GLU A 98 11.72 5.91 -6.12
CA GLU A 98 13.00 5.64 -6.83
C GLU A 98 13.85 6.85 -6.92
N GLY A 99 15.14 6.71 -6.64
CA GLY A 99 16.10 7.82 -6.66
C GLY A 99 16.09 8.74 -5.43
N CYS A 100 15.15 8.57 -4.53
CA CYS A 100 15.22 9.36 -3.31
C CYS A 100 16.12 8.65 -2.30
N GLU A 101 16.91 9.44 -1.61
CA GLU A 101 17.90 8.98 -0.66
C GLU A 101 17.66 9.48 0.73
N ILE A 102 18.43 8.89 1.65
CA ILE A 102 18.35 9.15 3.06
C ILE A 102 18.61 10.66 3.36
N GLY A 103 17.87 11.19 4.34
CA GLY A 103 17.96 12.56 4.74
C GLY A 103 17.28 12.71 6.11
N PHE A 104 17.06 13.94 6.53
CA PHE A 104 16.41 14.24 7.80
C PHE A 104 14.90 14.55 7.59
N ILE A 105 14.07 13.86 8.36
CA ILE A 105 12.64 13.98 8.33
C ILE A 105 12.23 14.70 9.60
N PRO A 106 11.41 15.75 9.53
CA PRO A 106 11.02 16.44 10.77
C PRO A 106 10.29 15.49 11.69
N SER A 107 10.62 15.53 12.98
CA SER A 107 9.88 14.82 13.99
C SER A 107 8.45 15.37 14.13
N PRO A 108 7.53 14.60 14.70
CA PRO A 108 6.23 15.16 15.06
C PRO A 108 6.30 16.48 15.85
N VAL A 109 7.22 16.59 16.80
CA VAL A 109 7.42 17.80 17.60
C VAL A 109 7.87 18.95 16.70
N LYS A 110 8.73 18.66 15.74
CA LYS A 110 9.26 19.70 14.86
C LYS A 110 8.17 20.22 13.93
N LEU A 111 7.36 19.30 13.40
CA LEU A 111 6.17 19.66 12.61
C LEU A 111 5.24 20.57 13.42
N GLU A 112 4.96 20.19 14.66
CA GLU A 112 4.11 20.98 15.55
C GLU A 112 4.68 22.37 15.85
N ASN A 113 5.97 22.46 16.11
CA ASN A 113 6.58 23.75 16.39
C ASN A 113 6.63 24.65 15.15
N MET A 114 6.81 24.08 13.98
CA MET A 114 6.69 24.88 12.75
C MET A 114 5.25 25.41 12.58
N ARG A 115 4.25 24.60 12.85
CA ARG A 115 2.90 25.04 12.65
C ARG A 115 2.56 26.15 13.69
N LEU A 116 3.08 26.02 14.92
CA LEU A 116 2.83 27.00 15.97
C LEU A 116 3.51 28.33 15.71
N GLN A 117 4.72 28.27 15.19
CA GLN A 117 5.53 29.46 14.89
C GLN A 117 4.86 30.19 13.73
N HIS A 118 4.35 29.43 12.75
CA HIS A 118 3.63 30.03 11.61
C HIS A 118 2.31 30.69 12.10
N GLU A 119 1.53 29.99 12.91
CA GLU A 119 0.25 30.55 13.45
C GLU A 119 0.50 31.83 14.21
N GLN A 120 1.53 31.86 15.06
CA GLN A 120 1.85 33.07 15.83
C GLN A 120 2.23 34.23 14.89
N ARG A 121 3.08 33.94 13.91
CA ARG A 121 3.64 34.96 13.04
C ARG A 121 2.50 35.57 12.20
N ALA A 122 1.53 34.73 11.82
CA ALA A 122 0.35 35.13 11.03
C ALA A 122 -0.70 35.97 11.78
N LYS A 123 -0.84 35.81 13.10
CA LYS A 123 -1.69 36.71 13.91
C LYS A 123 -1.05 38.11 13.94
N PHE B 10 10.16 3.92 18.14
CA PHE B 10 11.54 3.39 18.12
C PHE B 10 11.83 2.29 19.18
N THR B 16 -5.06 14.61 14.33
CA THR B 16 -3.99 15.59 14.33
C THR B 16 -2.56 14.97 14.18
N PRO B 17 -2.29 13.70 14.50
CA PRO B 17 -0.91 13.20 14.34
C PRO B 17 -0.40 13.29 12.87
N PRO B 18 0.80 13.79 12.65
CA PRO B 18 1.24 14.01 11.26
C PRO B 18 1.60 12.71 10.50
N TYR B 19 1.89 11.64 11.24
CA TYR B 19 2.36 10.36 10.69
C TYR B 19 1.57 9.21 11.29
N ASP B 20 1.10 8.34 10.40
CA ASP B 20 0.51 7.06 10.77
C ASP B 20 1.50 5.97 10.43
N VAL B 21 1.70 5.05 11.37
CA VAL B 21 2.62 3.91 11.17
C VAL B 21 1.90 2.88 10.26
N VAL B 22 2.56 2.49 9.19
CA VAL B 22 1.97 1.57 8.21
C VAL B 22 2.98 0.46 7.91
N PRO B 23 2.59 -0.64 7.30
CA PRO B 23 3.62 -1.67 7.02
C PRO B 23 4.70 -1.14 6.10
N SER B 24 5.91 -1.65 6.31
CA SER B 24 7.10 -1.19 5.59
C SER B 24 6.99 -1.50 4.11
N MET B 25 6.24 -2.54 3.76
CA MET B 25 5.81 -2.80 2.38
C MET B 25 4.30 -2.82 2.38
N ARG B 26 3.72 -1.96 1.55
CA ARG B 26 2.28 -1.84 1.45
C ARG B 26 1.74 -3.16 0.95
N PRO B 27 0.82 -3.76 1.70
CA PRO B 27 0.29 -5.08 1.29
C PRO B 27 -0.62 -4.94 0.05
N VAL B 28 -0.42 -5.81 -0.93
CA VAL B 28 -1.23 -5.86 -2.14
C VAL B 28 -2.50 -6.61 -1.91
N VAL B 29 -3.61 -5.96 -2.27
CA VAL B 29 -4.92 -6.51 -2.08
C VAL B 29 -5.63 -6.44 -3.45
N LEU B 30 -6.24 -7.53 -3.88
CA LEU B 30 -6.94 -7.59 -5.15
C LEU B 30 -8.41 -7.42 -4.89
N VAL B 31 -9.06 -6.55 -5.66
CA VAL B 31 -10.52 -6.41 -5.65
C VAL B 31 -11.05 -6.50 -7.08
N GLY B 32 -12.23 -7.07 -7.25
CA GLY B 32 -12.81 -7.25 -8.57
C GLY B 32 -12.39 -8.54 -9.25
N PRO B 33 -13.02 -8.88 -10.37
CA PRO B 33 -14.02 -8.06 -11.07
C PRO B 33 -15.34 -7.92 -10.33
N SER B 34 -15.63 -8.91 -9.52
CA SER B 34 -16.86 -8.97 -8.78
C SER B 34 -16.57 -9.40 -7.33
N LEU B 35 -17.45 -10.23 -6.74
CA LEU B 35 -17.33 -10.64 -5.34
C LEU B 35 -16.49 -11.88 -5.18
N LYS B 36 -15.71 -11.91 -4.10
CA LYS B 36 -14.88 -13.04 -3.72
C LYS B 36 -15.82 -14.12 -3.22
N GLY B 37 -15.36 -15.36 -3.18
CA GLY B 37 -16.21 -16.51 -2.83
C GLY B 37 -17.02 -17.11 -3.98
N TYR B 38 -17.08 -16.43 -5.14
CA TYR B 38 -17.79 -16.93 -6.32
C TYR B 38 -16.74 -17.22 -7.39
N GLU B 39 -17.09 -18.08 -8.33
CA GLU B 39 -16.08 -18.64 -9.21
C GLU B 39 -15.43 -17.64 -10.19
N VAL B 40 -16.15 -16.61 -10.67
CA VAL B 40 -15.53 -15.75 -11.71
C VAL B 40 -14.39 -14.94 -11.07
N THR B 41 -14.69 -14.31 -9.96
CA THR B 41 -13.70 -13.53 -9.22
C THR B 41 -12.64 -14.43 -8.65
N ASP B 42 -13.06 -15.52 -8.01
CA ASP B 42 -12.07 -16.42 -7.42
C ASP B 42 -11.10 -17.02 -8.39
N MET B 43 -11.56 -17.47 -9.52
CA MET B 43 -10.64 -18.01 -10.51
C MET B 43 -9.81 -16.91 -11.21
N MET B 44 -10.38 -15.75 -11.48
CA MET B 44 -9.59 -14.70 -12.13
C MET B 44 -8.46 -14.20 -11.22
N GLN B 45 -8.75 -13.97 -9.93
CA GLN B 45 -7.71 -13.60 -8.94
C GLN B 45 -6.69 -14.69 -8.70
N LYS B 46 -7.16 -15.95 -8.69
CA LYS B 46 -6.24 -17.07 -8.48
C LYS B 46 -5.17 -17.13 -9.59
N ALA B 47 -5.59 -16.96 -10.84
CA ALA B 47 -4.61 -16.94 -11.94
C ALA B 47 -3.59 -15.85 -11.69
N LEU B 48 -4.00 -14.69 -11.16
CA LEU B 48 -3.03 -13.63 -10.86
C LEU B 48 -2.12 -14.01 -9.69
N PHE B 49 -2.67 -14.59 -8.63
CA PHE B 49 -1.82 -15.00 -7.49
C PHE B 49 -0.83 -16.05 -7.97
N ASP B 50 -1.30 -17.02 -8.74
CA ASP B 50 -0.42 -18.08 -9.30
C ASP B 50 0.75 -17.47 -10.07
N PHE B 51 0.47 -16.45 -10.87
CA PHE B 51 1.51 -15.79 -11.62
C PHE B 51 2.48 -15.05 -10.69
N LEU B 52 1.97 -14.25 -9.74
CA LEU B 52 2.86 -13.55 -8.80
C LEU B 52 3.80 -14.53 -8.10
N LYS B 53 3.27 -15.67 -7.68
CA LYS B 53 4.01 -16.67 -6.90
C LYS B 53 5.28 -17.02 -7.66
N HIS B 54 5.16 -17.20 -8.97
CA HIS B 54 6.33 -17.64 -9.72
C HIS B 54 7.17 -16.48 -10.27
N ARG B 55 6.53 -15.41 -10.73
CA ARG B 55 7.27 -14.25 -11.17
C ARG B 55 8.08 -13.55 -10.06
N PHE B 56 7.63 -13.61 -8.80
CA PHE B 56 8.33 -12.85 -7.74
C PHE B 56 8.96 -13.83 -6.74
N GLU B 57 9.27 -15.03 -7.23
CA GLU B 57 9.76 -16.13 -6.39
C GLU B 57 10.96 -15.65 -5.58
N GLY B 58 10.92 -15.87 -4.28
CA GLY B 58 11.99 -15.52 -3.38
C GLY B 58 11.91 -14.08 -2.89
N ARG B 59 10.97 -13.29 -3.44
CA ARG B 59 10.80 -11.88 -3.06
C ARG B 59 9.37 -11.57 -2.60
N ILE B 60 8.51 -12.58 -2.51
CA ILE B 60 7.09 -12.34 -2.24
C ILE B 60 6.57 -13.30 -1.17
N SER B 61 5.63 -12.81 -0.36
CA SER B 61 4.89 -13.61 0.62
C SER B 61 3.40 -13.39 0.31
N ILE B 62 2.73 -14.45 -0.12
CA ILE B 62 1.30 -14.45 -0.41
C ILE B 62 0.53 -15.16 0.68
N THR B 63 -0.31 -14.43 1.38
CA THR B 63 -0.91 -15.02 2.55
C THR B 63 -2.40 -14.83 2.54
N ARG B 64 -3.07 -15.88 2.95
CA ARG B 64 -4.50 -15.86 3.15
C ARG B 64 -4.85 -15.07 4.39
N VAL B 65 -5.83 -14.15 4.28
CA VAL B 65 -6.40 -13.47 5.43
C VAL B 65 -7.91 -13.74 5.44
N THR B 66 -8.36 -14.62 6.33
CA THR B 66 -9.79 -14.91 6.46
C THR B 66 -10.50 -13.91 7.41
N ALA B 67 -9.77 -13.38 8.39
CA ALA B 67 -10.33 -12.44 9.37
C ALA B 67 -10.72 -11.14 8.71
N ASP B 68 -11.71 -10.46 9.28
CA ASP B 68 -12.28 -9.33 8.57
C ASP B 68 -11.53 -8.04 8.90
N ILE B 69 -10.44 -7.85 8.17
CA ILE B 69 -9.54 -6.73 8.41
C ILE B 69 -10.16 -5.38 8.10
N SER B 70 -11.34 -5.36 7.48
CA SER B 70 -12.16 -4.16 7.39
C SER B 70 -12.56 -3.56 8.75
N LEU B 71 -12.53 -4.37 9.80
CA LEU B 71 -12.83 -3.92 11.16
C LEU B 71 -11.64 -3.29 11.87
N ALA B 72 -10.46 -3.28 11.25
CA ALA B 72 -9.26 -2.68 11.87
C ALA B 72 -9.39 -1.15 11.94
N LYS B 73 -8.87 -0.54 13.00
CA LYS B 73 -8.75 0.93 13.08
C LYS B 73 -7.31 1.33 13.39
N ALA B 84 -16.95 4.11 29.41
CA ALA B 84 -16.01 3.91 28.29
C ALA B 84 -16.06 2.46 27.72
N ILE B 85 -17.01 2.18 26.82
CA ILE B 85 -17.33 0.78 26.44
C ILE B 85 -16.24 0.12 25.58
N ILE B 86 -16.03 -1.18 25.80
CA ILE B 86 -15.04 -1.92 25.00
C ILE B 86 -15.61 -2.19 23.61
N GLU B 87 -14.85 -1.82 22.60
CA GLU B 87 -15.21 -2.08 21.22
C GLU B 87 -15.16 -3.60 20.96
N ARG B 88 -16.22 -4.14 20.39
CA ARG B 88 -16.33 -5.55 20.02
C ARG B 88 -16.89 -5.71 18.61
N SER B 89 -16.86 -6.91 18.09
CA SER B 89 -17.38 -7.19 16.75
C SER B 89 -18.70 -7.89 16.91
N ASN B 90 -19.60 -7.67 15.97
CA ASN B 90 -20.84 -8.43 15.87
C ASN B 90 -20.85 -9.57 14.85
N THR B 91 -19.70 -9.89 14.28
CA THR B 91 -19.56 -11.05 13.43
C THR B 91 -18.62 -12.03 14.13
N ARG B 92 -18.35 -13.15 13.47
CA ARG B 92 -17.48 -14.16 14.02
C ARG B 92 -16.02 -13.70 14.08
N SER B 93 -15.68 -12.65 13.36
CA SER B 93 -14.32 -12.15 13.40
C SER B 93 -14.16 -11.14 14.54
N SER B 94 -13.42 -11.50 15.59
CA SER B 94 -13.27 -10.56 16.74
C SER B 94 -12.27 -9.45 16.44
N LEU B 95 -12.37 -8.34 17.19
CA LEU B 95 -11.37 -7.27 17.15
C LEU B 95 -10.00 -7.74 17.63
N ALA B 96 -9.93 -8.70 18.55
CA ALA B 96 -8.64 -9.23 18.93
C ALA B 96 -8.03 -10.05 17.81
N GLU B 97 -8.82 -10.87 17.13
CA GLU B 97 -8.31 -11.71 16.02
C GLU B 97 -7.87 -10.77 14.86
N VAL B 98 -8.66 -9.74 14.60
CA VAL B 98 -8.32 -8.77 13.56
C VAL B 98 -6.99 -8.09 13.85
N GLN B 99 -6.83 -7.58 15.09
CA GLN B 99 -5.59 -7.03 15.56
C GLN B 99 -4.42 -8.00 15.44
N SER B 100 -4.61 -9.25 15.80
CA SER B 100 -3.56 -10.24 15.62
C SER B 100 -3.15 -10.32 14.15
N GLU B 101 -4.13 -10.33 13.24
CA GLU B 101 -3.85 -10.42 11.82
C GLU B 101 -3.16 -9.15 11.30
N ILE B 102 -3.55 -7.96 11.77
CA ILE B 102 -2.84 -6.73 11.41
C ILE B 102 -1.36 -6.84 11.81
N GLU B 103 -1.08 -7.25 13.05
CA GLU B 103 0.31 -7.40 13.48
C GLU B 103 1.07 -8.47 12.65
N ARG B 104 0.42 -9.54 12.27
CA ARG B 104 1.05 -10.54 11.39
C ARG B 104 1.44 -9.94 10.02
N ILE B 105 0.58 -9.10 9.47
CA ILE B 105 0.84 -8.42 8.19
C ILE B 105 2.04 -7.44 8.28
N PHE B 106 2.07 -6.60 9.31
CA PHE B 106 3.20 -5.67 9.53
C PHE B 106 4.50 -6.48 9.64
N GLU B 107 4.48 -7.54 10.44
CA GLU B 107 5.66 -8.35 10.64
C GLU B 107 6.12 -9.08 9.35
N LEU B 108 5.20 -9.47 8.50
CA LEU B 108 5.55 -10.14 7.25
C LEU B 108 6.28 -9.17 6.27
N ALA B 109 5.95 -7.88 6.38
CA ALA B 109 6.56 -6.84 5.57
C ALA B 109 7.88 -6.29 6.12
N ARG B 110 8.20 -6.58 7.39
CA ARG B 110 9.33 -5.95 8.11
C ARG B 110 10.68 -6.00 7.40
N THR B 111 11.03 -7.14 6.80
CA THR B 111 12.28 -7.22 6.02
C THR B 111 12.15 -6.84 4.54
N LEU B 112 11.04 -6.19 4.15
CA LEU B 112 10.88 -5.64 2.80
C LEU B 112 10.71 -6.65 1.66
N GLN B 113 10.25 -7.84 1.97
CA GLN B 113 9.68 -8.74 0.97
C GLN B 113 8.35 -8.15 0.48
N LEU B 114 7.99 -8.37 -0.80
CA LEU B 114 6.61 -7.99 -1.25
C LEU B 114 5.57 -8.79 -0.49
N VAL B 115 4.53 -8.13 -0.02
CA VAL B 115 3.44 -8.79 0.68
C VAL B 115 2.09 -8.70 -0.11
N VAL B 116 1.46 -9.84 -0.36
CA VAL B 116 0.18 -9.91 -1.04
C VAL B 116 -0.83 -10.64 -0.17
N LEU B 117 -1.95 -10.00 0.08
CA LEU B 117 -3.01 -10.58 0.88
C LEU B 117 -4.07 -11.15 -0.04
N ASP B 118 -4.45 -12.40 0.19
CA ASP B 118 -5.66 -12.96 -0.36
C ASP B 118 -6.68 -12.74 0.74
N ALA B 119 -7.26 -11.55 0.75
CA ALA B 119 -8.08 -11.13 1.86
C ALA B 119 -9.55 -11.38 1.51
N ASP B 120 -10.14 -12.43 2.07
CA ASP B 120 -11.50 -12.88 1.76
C ASP B 120 -12.59 -11.84 1.81
N THR B 121 -12.56 -10.95 2.80
CA THR B 121 -13.70 -10.05 3.04
C THR B 121 -13.59 -8.65 2.40
N ILE B 122 -12.51 -8.39 1.67
CA ILE B 122 -12.29 -7.10 1.02
C ILE B 122 -12.62 -7.19 -0.47
N ASN B 123 -13.73 -6.56 -0.82
CA ASN B 123 -14.24 -6.46 -2.18
C ASN B 123 -14.31 -5.03 -2.66
N HIS B 124 -13.88 -4.08 -1.84
CA HIS B 124 -13.97 -2.66 -2.16
C HIS B 124 -12.92 -1.87 -1.40
N PRO B 125 -12.24 -0.90 -2.04
CA PRO B 125 -11.11 -0.20 -1.39
C PRO B 125 -11.55 0.61 -0.18
N ALA B 126 -12.79 1.04 -0.13
CA ALA B 126 -13.29 1.81 1.03
C ALA B 126 -13.24 1.00 2.34
N GLN B 127 -13.35 -0.32 2.24
CA GLN B 127 -13.24 -1.21 3.40
C GLN B 127 -11.84 -1.22 4.12
N LEU B 128 -10.79 -0.73 3.45
CA LEU B 128 -9.44 -0.66 4.04
C LEU B 128 -8.95 0.77 4.27
N SER B 129 -9.75 1.73 3.82
CA SER B 129 -9.46 3.18 3.86
C SER B 129 -9.19 3.72 5.26
N LYS B 130 -9.77 3.09 6.27
CA LYS B 130 -9.66 3.57 7.65
C LYS B 130 -8.72 2.76 8.49
N THR B 131 -8.12 1.74 7.89
CA THR B 131 -7.08 0.98 8.57
C THR B 131 -5.71 1.65 8.37
N SER B 132 -4.75 1.09 9.08
CA SER B 132 -3.36 1.47 9.03
C SER B 132 -2.63 0.61 8.06
N LEU B 133 -3.34 -0.19 7.23
CA LEU B 133 -2.66 -1.10 6.31
C LEU B 133 -2.07 -0.44 5.08
N ALA B 134 -2.65 0.67 4.68
CA ALA B 134 -2.20 1.40 3.48
C ALA B 134 -1.96 0.53 2.28
N PRO B 135 -2.94 -0.28 1.89
CA PRO B 135 -2.73 -1.31 0.86
C PRO B 135 -2.45 -0.70 -0.53
N ILE B 136 -1.76 -1.46 -1.34
CA ILE B 136 -1.78 -1.30 -2.79
C ILE B 136 -3.03 -2.06 -3.28
N ILE B 137 -4.03 -1.31 -3.77
CA ILE B 137 -5.27 -1.87 -4.28
C ILE B 137 -5.18 -2.14 -5.77
N VAL B 138 -5.27 -3.43 -6.12
CA VAL B 138 -5.27 -3.87 -7.49
C VAL B 138 -6.70 -4.18 -7.94
N TYR B 139 -7.19 -3.40 -8.88
CA TYR B 139 -8.55 -3.50 -9.34
C TYR B 139 -8.52 -4.31 -10.60
N VAL B 140 -8.99 -5.55 -10.52
CA VAL B 140 -9.19 -6.42 -11.68
C VAL B 140 -10.57 -6.10 -12.28
N LYS B 141 -10.56 -5.31 -13.35
CA LYS B 141 -11.76 -4.63 -13.89
C LYS B 141 -12.23 -5.27 -15.19
N ILE B 142 -13.46 -5.78 -15.20
CA ILE B 142 -14.15 -6.08 -16.46
C ILE B 142 -14.96 -4.86 -16.89
N SER B 143 -14.57 -4.34 -18.05
CA SER B 143 -15.04 -3.04 -18.49
C SER B 143 -16.55 -3.10 -18.81
N SER B 144 -17.04 -4.24 -19.36
CA SER B 144 -18.47 -4.30 -19.75
C SER B 144 -19.31 -5.21 -18.81
N PRO B 145 -20.38 -4.68 -18.20
CA PRO B 145 -21.27 -5.52 -17.37
C PRO B 145 -21.90 -6.68 -18.16
N LYS B 146 -22.10 -6.50 -19.46
CA LYS B 146 -22.58 -7.59 -20.30
C LYS B 146 -21.56 -8.73 -20.42
N VAL B 147 -20.28 -8.41 -20.48
CA VAL B 147 -19.25 -9.46 -20.47
C VAL B 147 -19.22 -10.18 -19.11
N LEU B 148 -19.32 -9.42 -18.02
CA LEU B 148 -19.36 -10.03 -16.68
C LEU B 148 -20.55 -11.00 -16.54
N GLN B 149 -21.74 -10.56 -16.94
CA GLN B 149 -22.95 -11.40 -16.92
C GLN B 149 -22.77 -12.72 -17.66
N ARG B 150 -22.29 -12.65 -18.90
CA ARG B 150 -22.06 -13.86 -19.69
C ARG B 150 -21.04 -14.78 -19.02
N LEU B 151 -19.98 -14.19 -18.44
CA LEU B 151 -18.95 -14.95 -17.72
C LEU B 151 -19.56 -15.76 -16.58
N ILE B 152 -20.38 -15.10 -15.77
CA ILE B 152 -21.03 -15.76 -14.64
C ILE B 152 -21.96 -16.90 -15.11
N LYS B 153 -22.70 -16.67 -16.19
CA LYS B 153 -23.63 -17.67 -16.75
C LYS B 153 -22.87 -18.87 -17.37
N SER B 154 -21.66 -18.62 -17.87
CA SER B 154 -20.78 -19.67 -18.44
C SER B 154 -20.38 -20.73 -17.40
N ARG B 155 -20.43 -20.34 -16.15
CA ARG B 155 -20.14 -21.27 -15.07
C ARG B 155 -21.29 -22.23 -14.91
N HIS B 162 -27.38 -16.23 -7.97
CA HIS B 162 -26.50 -15.27 -7.26
C HIS B 162 -25.87 -14.27 -8.23
N LEU B 163 -26.55 -14.04 -9.36
CA LEU B 163 -26.04 -13.11 -10.37
C LEU B 163 -26.06 -11.66 -9.91
N ASN B 164 -27.17 -11.24 -9.29
CA ASN B 164 -27.39 -9.82 -9.00
C ASN B 164 -26.43 -9.21 -7.93
N VAL B 165 -26.08 -9.98 -6.90
CA VAL B 165 -25.10 -9.47 -5.93
C VAL B 165 -23.73 -9.28 -6.63
N GLN B 166 -23.39 -10.19 -7.55
CA GLN B 166 -22.16 -10.07 -8.32
C GLN B 166 -22.14 -8.79 -9.20
N MET B 167 -23.21 -8.51 -9.97
CA MET B 167 -23.31 -7.29 -10.80
C MET B 167 -23.27 -5.99 -10.02
N VAL B 168 -23.91 -5.96 -8.85
CA VAL B 168 -23.91 -4.75 -8.00
C VAL B 168 -22.47 -4.50 -7.46
N ALA B 169 -21.79 -5.53 -6.96
CA ALA B 169 -20.41 -5.38 -6.48
C ALA B 169 -19.48 -4.83 -7.60
N ALA B 170 -19.64 -5.30 -8.84
CA ALA B 170 -18.80 -4.87 -9.96
C ALA B 170 -19.11 -3.46 -10.33
N ASP B 171 -20.38 -3.12 -10.25
CA ASP B 171 -20.83 -1.78 -10.51
C ASP B 171 -20.35 -0.79 -9.48
N LYS B 172 -20.32 -1.20 -8.22
CA LYS B 172 -19.80 -0.34 -7.15
C LYS B 172 -18.32 0.02 -7.38
N LEU B 173 -17.55 -0.99 -7.77
CA LEU B 173 -16.15 -0.82 -8.10
C LEU B 173 -16.01 0.19 -9.22
N ALA B 174 -16.79 0.02 -10.30
CA ALA B 174 -16.74 0.93 -11.46
C ALA B 174 -17.08 2.35 -11.10
N GLN B 175 -17.85 2.58 -10.04
CA GLN B 175 -18.15 3.96 -9.60
C GLN B 175 -17.04 4.65 -8.77
N CYS B 176 -16.03 3.91 -8.32
CA CYS B 176 -14.99 4.57 -7.51
C CYS B 176 -14.21 5.54 -8.36
N PRO B 177 -13.82 6.69 -7.80
CA PRO B 177 -12.88 7.57 -8.48
C PRO B 177 -11.53 6.84 -8.67
N PRO B 178 -11.13 6.50 -9.89
CA PRO B 178 -10.04 5.53 -10.06
C PRO B 178 -8.71 6.02 -9.53
N GLN B 179 -8.40 7.32 -9.60
CA GLN B 179 -7.05 7.80 -9.24
C GLN B 179 -6.78 7.69 -7.76
N GLU B 180 -7.78 8.03 -6.95
CA GLU B 180 -7.68 7.97 -5.49
C GLU B 180 -7.95 6.54 -4.94
N SER B 181 -8.83 5.76 -5.57
CA SER B 181 -9.25 4.47 -4.99
C SER B 181 -8.33 3.31 -5.27
N PHE B 182 -7.63 3.36 -6.40
CA PHE B 182 -6.89 2.19 -6.89
C PHE B 182 -5.46 2.56 -7.17
N ASP B 183 -4.53 1.64 -6.97
CA ASP B 183 -3.13 1.89 -7.26
C ASP B 183 -2.81 1.31 -8.64
N VAL B 184 -3.48 0.23 -9.02
CA VAL B 184 -3.33 -0.44 -10.30
C VAL B 184 -4.70 -0.89 -10.81
N ILE B 185 -4.97 -0.64 -12.09
CA ILE B 185 -6.16 -1.13 -12.72
C ILE B 185 -5.80 -2.07 -13.86
N LEU B 186 -6.22 -3.32 -13.74
CA LEU B 186 -6.00 -4.30 -14.79
C LEU B 186 -7.28 -4.48 -15.60
N ASP B 187 -7.36 -3.75 -16.70
CA ASP B 187 -8.56 -3.78 -17.54
C ASP B 187 -8.31 -4.52 -18.82
N GLU B 188 -7.18 -5.22 -18.89
CA GLU B 188 -6.81 -6.00 -20.07
C GLU B 188 -7.62 -7.30 -20.09
N ASN B 189 -8.07 -7.73 -21.27
CA ASN B 189 -8.88 -8.93 -21.34
C ASN B 189 -8.05 -10.20 -21.51
N GLN B 190 -6.73 -10.07 -21.66
CA GLN B 190 -5.87 -11.27 -21.72
C GLN B 190 -5.11 -11.38 -20.41
N LEU B 191 -5.12 -12.56 -19.81
CA LEU B 191 -4.42 -12.82 -18.56
C LEU B 191 -2.93 -12.46 -18.65
N GLU B 192 -2.32 -12.77 -19.77
CA GLU B 192 -0.89 -12.52 -19.99
C GLU B 192 -0.57 -11.03 -19.84
N ASP B 193 -1.42 -10.20 -20.45
CA ASP B 193 -1.28 -8.73 -20.47
C ASP B 193 -1.58 -8.09 -19.10
N ALA B 194 -2.56 -8.61 -18.39
CA ALA B 194 -2.92 -8.16 -17.01
C ALA B 194 -1.76 -8.49 -16.04
N CYS B 195 -1.16 -9.67 -16.23
CA CYS B 195 -0.04 -10.12 -15.41
C CYS B 195 1.17 -9.26 -15.62
N GLU B 196 1.52 -8.96 -16.88
CA GLU B 196 2.74 -8.18 -17.14
C GLU B 196 2.55 -6.74 -16.66
N HIS B 197 1.34 -6.19 -16.80
CA HIS B 197 1.06 -4.83 -16.30
C HIS B 197 1.25 -4.82 -14.74
N LEU B 198 0.67 -5.79 -14.02
CA LEU B 198 0.83 -5.87 -12.56
C LEU B 198 2.31 -6.07 -12.12
N ALA B 199 3.05 -6.90 -12.86
CA ALA B 199 4.46 -7.17 -12.59
C ALA B 199 5.28 -5.91 -12.76
N ASP B 200 5.10 -5.22 -13.88
CA ASP B 200 5.73 -3.92 -14.10
C ASP B 200 5.49 -2.98 -12.90
N TYR B 201 4.25 -2.87 -12.44
CA TYR B 201 3.99 -2.04 -11.27
C TYR B 201 4.75 -2.52 -10.02
N LEU B 202 4.72 -3.83 -9.79
CA LEU B 202 5.37 -4.38 -8.57
C LEU B 202 6.93 -4.36 -8.64
N GLU B 203 7.50 -4.45 -9.83
CA GLU B 203 8.94 -4.27 -10.01
C GLU B 203 9.35 -2.86 -9.72
N ALA B 204 8.51 -1.90 -10.12
CA ALA B 204 8.83 -0.50 -9.81
C ALA B 204 8.72 -0.22 -8.31
N TYR B 205 7.71 -0.78 -7.65
CA TYR B 205 7.54 -0.64 -6.21
C TYR B 205 8.75 -1.26 -5.50
N TRP B 206 9.22 -2.39 -5.99
CA TRP B 206 10.38 -3.04 -5.43
C TRP B 206 11.58 -2.11 -5.45
N LYS B 207 11.80 -1.47 -6.58
CA LYS B 207 12.93 -0.53 -6.73
C LYS B 207 12.79 0.64 -5.80
N ALA B 208 11.59 1.17 -5.68
CA ALA B 208 11.28 2.29 -4.78
C ALA B 208 11.56 1.97 -3.30
N THR B 209 11.41 0.69 -2.94
CA THR B 209 11.58 0.24 -1.55
C THR B 209 12.95 -0.39 -1.27
N HIS B 210 13.72 -0.68 -2.31
CA HIS B 210 15.05 -1.31 -2.21
C HIS B 210 16.10 -0.55 -3.01
N PRO B 211 16.48 0.65 -2.58
CA PRO B 211 17.50 1.37 -3.33
C PRO B 211 18.84 0.57 -3.20
N PRO B 212 19.73 0.60 -4.18
CA PRO B 212 21.06 -0.08 -4.04
C PRO B 212 21.88 0.36 -2.80
N SER B 213 21.71 1.63 -2.38
CA SER B 213 22.40 2.17 -1.18
C SER B 213 21.98 1.60 0.21
N SER B 214 20.95 0.74 0.23
CA SER B 214 20.50 0.09 1.48
C SER B 214 21.36 -1.13 1.94
N ASN B 215 22.34 -1.57 1.12
CA ASN B 215 23.24 -2.68 1.47
C ASN B 215 24.70 -2.46 1.03
N ARG B 223 -8.05 -19.89 -4.09
CA ARG B 223 -7.26 -18.80 -4.67
C ARG B 223 -5.74 -18.96 -4.38
N THR B 224 -5.40 -19.53 -3.22
CA THR B 224 -4.00 -19.73 -2.83
C THR B 224 -3.88 -20.71 -1.65
N GLN C 3 -18.57 -6.92 -31.29
CA GLN C 3 -17.37 -7.79 -31.59
C GLN C 3 -16.26 -7.58 -30.57
N GLN C 4 -16.15 -6.37 -30.03
CA GLN C 4 -15.15 -6.09 -28.99
C GLN C 4 -15.59 -6.83 -27.74
N LEU C 5 -16.88 -6.77 -27.40
CA LEU C 5 -17.36 -7.58 -26.28
C LEU C 5 -17.13 -9.08 -26.49
N GLU C 6 -17.13 -9.53 -27.75
CA GLU C 6 -16.97 -10.97 -27.95
C GLU C 6 -15.48 -11.32 -27.76
N GLU C 7 -14.57 -10.46 -28.14
CA GLU C 7 -13.17 -10.77 -27.88
C GLU C 7 -12.87 -10.67 -26.40
N ASP C 8 -13.51 -9.71 -25.68
CA ASP C 8 -13.43 -9.62 -24.19
C ASP C 8 -13.78 -10.97 -23.50
N LEU C 9 -14.96 -11.48 -23.80
CA LEU C 9 -15.46 -12.75 -23.26
C LEU C 9 -14.54 -13.92 -23.54
N LYS C 10 -14.08 -14.08 -24.78
CA LYS C 10 -13.08 -15.13 -25.06
C LYS C 10 -11.80 -14.92 -24.23
N GLY C 11 -11.34 -13.68 -24.05
CA GLY C 11 -10.17 -13.43 -23.25
C GLY C 11 -10.36 -13.93 -21.82
N TYR C 12 -11.47 -13.54 -21.20
CA TYR C 12 -11.75 -13.86 -19.82
C TYR C 12 -12.06 -15.34 -19.60
N LEU C 13 -12.73 -15.97 -20.57
CA LEU C 13 -12.92 -17.42 -20.54
C LEU C 13 -11.56 -18.13 -20.53
N ASP C 14 -10.62 -17.72 -21.39
CA ASP C 14 -9.27 -18.31 -21.43
C ASP C 14 -8.52 -18.07 -20.06
N TRP C 15 -8.68 -16.87 -19.49
CA TRP C 15 -8.10 -16.51 -18.18
C TRP C 15 -8.57 -17.47 -17.08
N ILE C 16 -9.88 -17.61 -16.97
CA ILE C 16 -10.52 -18.52 -16.00
C ILE C 16 -10.05 -19.99 -16.16
N THR C 17 -10.02 -20.46 -17.39
CA THR C 17 -9.44 -21.77 -17.75
C THR C 17 -8.02 -21.94 -17.26
N GLN C 18 -7.19 -20.91 -17.42
CA GLN C 18 -5.84 -20.86 -16.87
C GLN C 18 -5.98 -20.68 -15.34
#